data_5KRL
#
_entry.id   5KRL
#
_cell.length_a   55.860
_cell.length_b   82.720
_cell.length_c   58.580
_cell.angle_alpha   90.00
_cell.angle_beta   109.36
_cell.angle_gamma   90.00
#
_symmetry.space_group_name_H-M   'P 1 21 1'
#
loop_
_entity.id
_entity.type
_entity.pdbx_description
1 polymer 'Estrogen receptor'
2 polymer NCOA2
3 non-polymer (1~{S},3~{a}~{R},7~{a}~{S})-5-(2-chloranyl-4-oxidanyl-phenyl)-2,3,3~{a},4,7,7~{a}-hexahydro-1~{H}-inden-1-ol
4 water water
#
loop_
_entity_poly.entity_id
_entity_poly.type
_entity_poly.pdbx_seq_one_letter_code
_entity_poly.pdbx_strand_id
1 'polypeptide(L)'
;IKRSKKNSLALSLTADQMVSALLDAEPPILYSEYDPTRPFSEASMMGLLTNLADRELVHMINWAKRVPGFVDLTLHDQVH
LLECAWLEILMIGLVWRSMEHPGKLLFAPNLLLDRNQGKCVEGMVEIFDMLLATSSRFRMMNLQGEEFVCLKSIILLNSG
VYTFLSSTLKSLEEKDHIHRVLDKITDTLIHLMAKAGLTLQQQHQRLAQLLLILSHIRHMSNKGMEHLYSMKCKNVVPLS
DLLLEMLDAHRLHAPTS
;
A,B
2 'polypeptide(L)' KHKILHRLLQDSSS C,D
#
# COMPACT_ATOMS: atom_id res chain seq x y z
N SER A 8 -13.36 -9.83 -21.58
CA SER A 8 -14.21 -11.01 -21.49
C SER A 8 -13.41 -12.29 -21.64
N LEU A 9 -12.36 -12.23 -22.46
CA LEU A 9 -11.49 -13.38 -22.68
C LEU A 9 -10.79 -13.78 -21.39
N ALA A 10 -10.43 -12.77 -20.59
CA ALA A 10 -9.80 -12.99 -19.30
C ALA A 10 -10.71 -13.76 -18.36
N LEU A 11 -11.98 -13.38 -18.35
CA LEU A 11 -12.97 -14.00 -17.48
C LEU A 11 -13.26 -15.44 -17.87
N SER A 12 -12.95 -15.79 -19.11
CA SER A 12 -13.22 -17.14 -19.62
C SER A 12 -12.04 -18.08 -19.38
N LEU A 13 -10.84 -17.52 -19.24
CA LEU A 13 -9.64 -18.31 -19.02
C LEU A 13 -9.72 -19.14 -17.75
N THR A 14 -9.10 -20.32 -17.77
CA THR A 14 -8.97 -21.12 -16.57
C THR A 14 -7.83 -20.56 -15.73
N ALA A 15 -7.62 -21.13 -14.54
CA ALA A 15 -6.55 -20.69 -13.67
C ALA A 15 -5.19 -20.99 -14.29
N ASP A 16 -5.08 -22.18 -14.90
CA ASP A 16 -3.84 -22.58 -15.55
C ASP A 16 -3.59 -21.79 -16.83
N GLN A 17 -4.67 -21.37 -17.48
CA GLN A 17 -4.55 -20.50 -18.65
C GLN A 17 -4.13 -19.11 -18.23
N MET A 18 -4.59 -18.69 -17.05
CA MET A 18 -4.18 -17.42 -16.48
C MET A 18 -2.68 -17.42 -16.18
N VAL A 19 -2.22 -18.47 -15.50
CA VAL A 19 -0.82 -18.63 -15.15
C VAL A 19 0.08 -18.62 -16.40
N SER A 20 -0.26 -19.48 -17.36
CA SER A 20 0.51 -19.61 -18.59
C SER A 20 0.60 -18.28 -19.33
N ALA A 21 -0.53 -17.57 -19.43
CA ALA A 21 -0.57 -16.28 -20.09
C ALA A 21 0.37 -15.28 -19.43
N LEU A 22 0.28 -15.18 -18.10
CA LEU A 22 1.12 -14.26 -17.34
C LEU A 22 2.60 -14.62 -17.43
N LEU A 23 2.89 -15.91 -17.41
CA LEU A 23 4.28 -16.38 -17.51
C LEU A 23 4.89 -16.01 -18.86
N ASP A 24 4.14 -16.25 -19.93
CA ASP A 24 4.63 -15.96 -21.28
C ASP A 24 4.77 -14.45 -21.52
N ALA A 25 3.96 -13.67 -20.82
CA ALA A 25 3.95 -12.22 -21.01
C ALA A 25 5.12 -11.53 -20.33
N GLU A 26 5.87 -12.29 -19.53
CA GLU A 26 6.97 -11.73 -18.74
C GLU A 26 7.98 -10.95 -19.59
N PRO A 27 8.39 -9.78 -19.10
CA PRO A 27 9.37 -8.93 -19.77
C PRO A 27 10.76 -9.53 -19.67
N PRO A 28 11.67 -9.13 -20.56
CA PRO A 28 13.05 -9.62 -20.48
C PRO A 28 13.85 -8.93 -19.37
N ILE A 29 14.93 -9.56 -18.95
CA ILE A 29 15.85 -8.93 -18.00
C ILE A 29 16.88 -8.13 -18.78
N LEU A 30 16.92 -6.82 -18.56
CA LEU A 30 17.81 -5.94 -19.30
C LEU A 30 19.13 -5.76 -18.57
N TYR A 31 20.13 -5.27 -19.29
CA TYR A 31 21.40 -4.89 -18.69
C TYR A 31 21.46 -3.38 -18.53
N SER A 32 22.26 -2.92 -17.57
CA SER A 32 22.45 -1.49 -17.38
C SER A 32 23.58 -1.01 -18.28
N GLU A 33 23.72 0.30 -18.40
CA GLU A 33 24.84 0.89 -19.14
C GLU A 33 26.00 1.17 -18.21
N TYR A 34 26.24 0.22 -17.30
CA TYR A 34 27.27 0.39 -16.27
C TYR A 34 28.68 0.42 -16.87
N ASP A 35 29.45 1.43 -16.47
CA ASP A 35 30.83 1.57 -16.92
C ASP A 35 31.80 1.46 -15.75
N PRO A 36 32.50 0.33 -15.65
CA PRO A 36 33.41 0.04 -14.53
C PRO A 36 34.75 0.77 -14.62
N THR A 37 34.92 1.60 -15.65
CA THR A 37 36.19 2.32 -15.83
C THR A 37 36.17 3.63 -15.06
N ARG A 38 35.00 4.03 -14.60
CA ARG A 38 34.86 5.27 -13.83
C ARG A 38 34.18 4.99 -12.49
N PRO A 39 34.60 5.70 -11.43
CA PRO A 39 34.02 5.51 -10.09
C PRO A 39 32.60 6.06 -9.99
N PHE A 40 31.83 5.52 -9.05
CA PHE A 40 30.47 5.97 -8.81
C PHE A 40 30.42 7.38 -8.23
N SER A 41 29.52 8.20 -8.77
CA SER A 41 29.13 9.44 -8.11
C SER A 41 27.64 9.37 -7.84
N GLU A 42 27.10 10.34 -7.12
CA GLU A 42 25.66 10.39 -6.89
C GLU A 42 24.93 10.49 -8.22
N ALA A 43 25.45 11.35 -9.09
CA ALA A 43 24.86 11.57 -10.40
C ALA A 43 24.99 10.35 -11.31
N SER A 44 26.16 9.71 -11.30
CA SER A 44 26.41 8.59 -12.19
C SER A 44 25.61 7.35 -11.77
N MET A 45 25.38 7.21 -10.47
CA MET A 45 24.57 6.11 -9.95
C MET A 45 23.11 6.30 -10.30
N MET A 46 22.60 7.52 -10.09
CA MET A 46 21.23 7.85 -10.43
C MET A 46 21.02 7.76 -11.94
N GLY A 47 22.07 8.05 -12.70
CA GLY A 47 22.02 7.95 -14.15
C GLY A 47 21.77 6.53 -14.60
N LEU A 48 22.55 5.59 -14.06
CA LEU A 48 22.41 4.18 -14.38
C LEU A 48 21.02 3.66 -14.05
N LEU A 49 20.55 3.95 -12.84
CA LEU A 49 19.27 3.44 -12.36
C LEU A 49 18.08 3.98 -13.17
N THR A 50 18.11 5.27 -13.50
CA THR A 50 17.00 5.87 -14.23
C THR A 50 17.05 5.52 -15.72
N ASN A 51 18.27 5.32 -16.24
CA ASN A 51 18.42 4.85 -17.62
C ASN A 51 17.85 3.45 -17.76
N LEU A 52 18.14 2.61 -16.78
CA LEU A 52 17.61 1.25 -16.74
C LEU A 52 16.08 1.26 -16.63
N ALA A 53 15.57 2.05 -15.69
CA ALA A 53 14.13 2.17 -15.46
C ALA A 53 13.40 2.62 -16.72
N ASP A 54 14.00 3.57 -17.44
CA ASP A 54 13.42 4.10 -18.66
C ASP A 54 13.24 3.02 -19.72
N ARG A 55 14.28 2.20 -19.90
CA ARG A 55 14.23 1.13 -20.88
C ARG A 55 13.31 0.00 -20.45
N GLU A 56 13.23 -0.25 -19.15
CA GLU A 56 12.32 -1.25 -18.61
C GLU A 56 10.85 -0.86 -18.83
N LEU A 57 10.58 0.44 -18.76
CA LEU A 57 9.24 0.97 -18.94
C LEU A 57 8.63 0.59 -20.28
N VAL A 58 9.45 0.65 -21.32
CA VAL A 58 9.00 0.30 -22.67
C VAL A 58 8.55 -1.15 -22.71
N HIS A 59 9.31 -2.03 -22.07
CA HIS A 59 8.95 -3.44 -22.02
C HIS A 59 7.77 -3.69 -21.09
N MET A 60 7.63 -2.85 -20.06
CA MET A 60 6.50 -2.97 -19.14
C MET A 60 5.20 -2.70 -19.85
N ILE A 61 5.21 -1.72 -20.75
CA ILE A 61 4.03 -1.36 -21.53
C ILE A 61 3.59 -2.52 -22.41
N ASN A 62 4.54 -3.19 -23.05
CA ASN A 62 4.24 -4.39 -23.84
C ASN A 62 3.68 -5.49 -22.97
N TRP A 63 4.26 -5.64 -21.78
CA TRP A 63 3.79 -6.64 -20.82
C TRP A 63 2.36 -6.36 -20.37
N ALA A 64 2.09 -5.10 -20.04
CA ALA A 64 0.77 -4.70 -19.55
C ALA A 64 -0.34 -5.05 -20.53
N LYS A 65 -0.07 -4.87 -21.82
CA LYS A 65 -1.06 -5.16 -22.85
C LYS A 65 -1.34 -6.66 -22.98
N ARG A 66 -0.44 -7.47 -22.44
CA ARG A 66 -0.61 -8.92 -22.47
C ARG A 66 -1.18 -9.45 -21.16
N VAL A 67 -1.46 -8.54 -20.23
CA VAL A 67 -2.16 -8.91 -19.00
C VAL A 67 -3.65 -8.98 -19.29
N PRO A 68 -4.24 -10.18 -19.15
CA PRO A 68 -5.64 -10.45 -19.50
C PRO A 68 -6.62 -9.43 -18.93
N GLY A 69 -7.40 -8.80 -19.81
CA GLY A 69 -8.40 -7.84 -19.39
C GLY A 69 -7.95 -6.39 -19.49
N PHE A 70 -6.64 -6.18 -19.54
CA PHE A 70 -6.09 -4.83 -19.57
C PHE A 70 -6.35 -4.13 -20.91
N VAL A 71 -6.30 -4.89 -22.00
CA VAL A 71 -6.48 -4.31 -23.32
C VAL A 71 -7.97 -3.98 -23.55
N ASP A 72 -8.83 -4.50 -22.69
CA ASP A 72 -10.26 -4.25 -22.78
C ASP A 72 -10.60 -2.84 -22.30
N LEU A 73 -9.66 -2.21 -21.60
CA LEU A 73 -9.87 -0.87 -21.05
C LEU A 73 -9.60 0.20 -22.09
N THR A 74 -10.14 1.39 -21.86
CA THR A 74 -9.87 2.53 -22.74
C THR A 74 -8.41 2.94 -22.63
N LEU A 75 -7.93 3.74 -23.57
CA LEU A 75 -6.60 4.25 -23.49
C LEU A 75 -6.40 5.13 -22.29
N HIS A 76 -7.43 5.90 -21.99
CA HIS A 76 -7.43 6.75 -20.80
C HIS A 76 -7.15 5.93 -19.53
N ASP A 77 -7.83 4.80 -19.41
CA ASP A 77 -7.69 3.96 -18.21
C ASP A 77 -6.35 3.24 -18.18
N GLN A 78 -5.86 2.83 -19.34
CA GLN A 78 -4.58 2.15 -19.44
C GLN A 78 -3.44 3.06 -18.99
N VAL A 79 -3.42 4.27 -19.54
CA VAL A 79 -2.41 5.27 -19.19
C VAL A 79 -2.39 5.51 -17.69
N HIS A 80 -3.58 5.68 -17.13
CA HIS A 80 -3.75 6.03 -15.73
C HIS A 80 -3.31 4.91 -14.78
N LEU A 81 -3.56 3.66 -15.15
CA LEU A 81 -3.13 2.52 -14.34
C LEU A 81 -1.62 2.37 -14.35
N LEU A 82 -1.02 2.57 -15.52
CA LEU A 82 0.44 2.46 -15.66
C LEU A 82 1.14 3.61 -14.93
N GLU A 83 0.59 4.82 -15.07
CA GLU A 83 1.13 6.00 -14.39
C GLU A 83 1.15 5.80 -12.87
N CYS A 84 0.15 5.10 -12.36
CA CYS A 84 0.03 4.91 -10.92
C CYS A 84 0.90 3.77 -10.40
N ALA A 85 1.14 2.77 -11.23
CA ALA A 85 1.73 1.52 -10.76
C ALA A 85 3.16 1.25 -11.23
N TRP A 86 3.68 2.11 -12.11
CA TRP A 86 4.93 1.79 -12.81
C TRP A 86 6.11 1.53 -11.89
N LEU A 87 6.25 2.36 -10.85
CA LEU A 87 7.38 2.20 -9.94
C LEU A 87 7.18 1.00 -9.02
N GLU A 88 5.93 0.73 -8.65
CA GLU A 88 5.61 -0.47 -7.90
C GLU A 88 6.01 -1.72 -8.68
N ILE A 89 5.67 -1.72 -9.97
CA ILE A 89 5.97 -2.85 -10.84
C ILE A 89 7.48 -3.04 -11.02
N LEU A 90 8.20 -1.93 -11.20
CA LEU A 90 9.65 -1.99 -11.30
C LEU A 90 10.27 -2.56 -10.03
N MET A 91 9.71 -2.17 -8.88
CA MET A 91 10.26 -2.57 -7.59
C MET A 91 9.98 -4.04 -7.25
N ILE A 92 8.78 -4.53 -7.55
CA ILE A 92 8.47 -5.91 -7.22
C ILE A 92 9.27 -6.86 -8.12
N GLY A 93 9.55 -6.42 -9.34
CA GLY A 93 10.40 -7.17 -10.25
C GLY A 93 11.83 -7.22 -9.74
N LEU A 94 12.32 -6.07 -9.26
CA LEU A 94 13.65 -5.97 -8.70
C LEU A 94 13.79 -6.86 -7.46
N VAL A 95 12.81 -6.76 -6.57
CA VAL A 95 12.78 -7.54 -5.35
C VAL A 95 12.73 -9.03 -5.66
N TRP A 96 11.99 -9.38 -6.71
CA TRP A 96 11.88 -10.77 -7.14
C TRP A 96 13.21 -11.34 -7.61
N ARG A 97 13.91 -10.61 -8.47
CA ARG A 97 15.15 -11.13 -9.05
C ARG A 97 16.33 -10.96 -8.09
N SER A 98 16.06 -10.37 -6.92
CA SER A 98 17.09 -10.22 -5.90
C SER A 98 16.98 -11.30 -4.82
N MET A 99 15.94 -12.12 -4.92
CA MET A 99 15.66 -13.14 -3.90
C MET A 99 16.85 -14.04 -3.60
N GLU A 100 17.50 -14.52 -4.65
CA GLU A 100 18.62 -15.44 -4.51
C GLU A 100 19.94 -14.70 -4.31
N HIS A 101 19.85 -13.44 -3.96
CA HIS A 101 21.04 -12.64 -3.64
C HIS A 101 20.85 -11.90 -2.32
N PRO A 102 20.96 -12.61 -1.20
CA PRO A 102 20.74 -12.05 0.13
C PRO A 102 21.61 -10.83 0.42
N GLY A 103 20.99 -9.74 0.83
CA GLY A 103 21.72 -8.52 1.17
C GLY A 103 22.13 -7.70 -0.03
N LYS A 104 21.65 -8.08 -1.21
CA LYS A 104 22.00 -7.36 -2.43
C LYS A 104 20.78 -7.13 -3.32
N LEU A 105 20.87 -6.11 -4.18
CA LEU A 105 19.80 -5.83 -5.13
C LEU A 105 20.28 -6.00 -6.56
N LEU A 106 19.67 -6.93 -7.28
CA LEU A 106 20.04 -7.21 -8.67
C LEU A 106 19.27 -6.31 -9.61
N PHE A 107 19.74 -5.09 -9.81
CA PHE A 107 19.11 -4.17 -10.75
C PHE A 107 19.25 -4.71 -12.16
N ALA A 108 20.41 -5.25 -12.45
CA ALA A 108 20.72 -5.86 -13.73
C ALA A 108 21.76 -6.95 -13.48
N PRO A 109 21.90 -7.92 -14.41
CA PRO A 109 22.92 -8.96 -14.23
C PRO A 109 24.33 -8.39 -14.06
N ASN A 110 24.57 -7.20 -14.62
CA ASN A 110 25.86 -6.54 -14.49
C ASN A 110 25.79 -5.37 -13.53
N LEU A 111 24.77 -5.36 -12.67
CA LEU A 111 24.60 -4.31 -11.68
C LEU A 111 23.99 -4.86 -10.40
N LEU A 112 24.83 -5.45 -9.56
CA LEU A 112 24.42 -6.04 -8.29
C LEU A 112 24.97 -5.19 -7.15
N LEU A 113 24.07 -4.52 -6.43
CA LEU A 113 24.50 -3.56 -5.40
C LEU A 113 24.07 -3.94 -4.00
N ASP A 114 24.93 -3.68 -3.02
CA ASP A 114 24.57 -3.82 -1.62
C ASP A 114 24.19 -2.45 -1.06
N ARG A 115 23.73 -2.42 0.19
CA ARG A 115 23.20 -1.18 0.76
C ARG A 115 24.27 -0.11 0.92
N ASN A 116 25.52 -0.52 1.09
CA ASN A 116 26.61 0.43 1.24
C ASN A 116 26.87 1.21 -0.05
N GLN A 117 26.50 0.61 -1.18
CA GLN A 117 26.64 1.28 -2.47
C GLN A 117 25.44 2.20 -2.73
N GLY A 118 24.37 1.97 -1.97
CA GLY A 118 23.19 2.83 -2.04
C GLY A 118 23.45 4.16 -1.36
N LYS A 119 24.45 4.18 -0.48
CA LYS A 119 24.80 5.38 0.26
C LYS A 119 25.48 6.42 -0.64
N CYS A 120 25.84 6.00 -1.86
CA CYS A 120 26.43 6.91 -2.83
C CYS A 120 25.45 8.02 -3.21
N VAL A 121 24.16 7.67 -3.20
CA VAL A 121 23.10 8.64 -3.50
C VAL A 121 22.42 9.07 -2.21
N GLU A 122 22.22 10.37 -2.05
CA GLU A 122 21.61 10.93 -0.85
C GLU A 122 20.19 10.42 -0.65
N GLY A 123 19.96 9.79 0.51
CA GLY A 123 18.64 9.33 0.90
C GLY A 123 18.12 8.10 0.17
N MET A 124 19.00 7.43 -0.56
CA MET A 124 18.58 6.24 -1.31
C MET A 124 18.78 4.96 -0.52
N VAL A 125 19.63 5.01 0.50
CA VAL A 125 19.93 3.83 1.29
C VAL A 125 18.71 3.37 2.10
N GLU A 126 17.85 4.32 2.46
CA GLU A 126 16.63 3.99 3.19
C GLU A 126 15.68 3.19 2.30
N ILE A 127 15.65 3.55 1.02
CA ILE A 127 14.82 2.84 0.06
C ILE A 127 15.42 1.46 -0.23
N PHE A 128 16.74 1.40 -0.32
CA PHE A 128 17.44 0.12 -0.50
C PHE A 128 17.14 -0.86 0.64
N ASP A 129 17.18 -0.36 1.87
CA ASP A 129 16.90 -1.18 3.05
C ASP A 129 15.50 -1.79 3.00
N MET A 130 14.53 -0.99 2.56
CA MET A 130 13.15 -1.47 2.45
C MET A 130 13.03 -2.51 1.34
N LEU A 131 13.69 -2.26 0.22
CA LEU A 131 13.70 -3.20 -0.90
C LEU A 131 14.35 -4.52 -0.50
N LEU A 132 15.46 -4.42 0.23
CA LEU A 132 16.17 -5.60 0.72
C LEU A 132 15.31 -6.40 1.70
N ALA A 133 14.60 -5.70 2.57
CA ALA A 133 13.73 -6.35 3.54
C ALA A 133 12.58 -7.08 2.85
N THR A 134 12.04 -6.46 1.81
CA THR A 134 10.97 -7.08 1.03
C THR A 134 11.48 -8.32 0.33
N SER A 135 12.69 -8.23 -0.22
CA SER A 135 13.32 -9.37 -0.88
C SER A 135 13.53 -10.52 0.10
N SER A 136 13.91 -10.18 1.33
CA SER A 136 14.11 -11.18 2.37
C SER A 136 12.79 -11.81 2.79
N ARG A 137 11.71 -11.02 2.74
CA ARG A 137 10.39 -11.50 3.07
C ARG A 137 9.90 -12.53 2.05
N PHE A 138 10.08 -12.21 0.76
CA PHE A 138 9.72 -13.13 -0.30
C PHE A 138 10.50 -14.44 -0.18
N ARG A 139 11.78 -14.32 0.18
CA ARG A 139 12.65 -15.47 0.32
C ARG A 139 12.23 -16.32 1.52
N MET A 140 11.77 -15.66 2.57
CA MET A 140 11.28 -16.34 3.76
C MET A 140 9.99 -17.11 3.48
N MET A 141 9.15 -16.53 2.62
CA MET A 141 7.88 -17.15 2.27
C MET A 141 8.01 -18.13 1.12
N ASN A 142 9.21 -18.21 0.56
N ASN A 142 9.20 -18.22 0.54
CA ASN A 142 9.47 -19.03 -0.63
CA ASN A 142 9.47 -19.04 -0.63
C ASN A 142 8.48 -18.72 -1.76
C ASN A 142 8.49 -18.72 -1.77
N LEU A 143 8.46 -17.45 -2.16
CA LEU A 143 7.56 -17.00 -3.22
C LEU A 143 7.84 -17.72 -4.54
N GLN A 144 6.79 -18.21 -5.17
CA GLN A 144 6.91 -18.89 -6.46
C GLN A 144 6.78 -17.89 -7.60
N GLY A 145 7.36 -18.24 -8.74
CA GLY A 145 7.29 -17.40 -9.92
C GLY A 145 5.86 -17.16 -10.38
N GLU A 146 5.03 -18.20 -10.29
CA GLU A 146 3.63 -18.11 -10.68
C GLU A 146 2.86 -17.18 -9.76
N GLU A 147 3.24 -17.15 -8.48
CA GLU A 147 2.63 -16.24 -7.52
C GLU A 147 3.09 -14.82 -7.78
N PHE A 148 4.37 -14.67 -8.14
CA PHE A 148 4.96 -13.36 -8.40
C PHE A 148 4.25 -12.65 -9.56
N VAL A 149 4.03 -13.37 -10.67
CA VAL A 149 3.40 -12.75 -11.83
C VAL A 149 1.93 -12.43 -11.56
N CYS A 150 1.31 -13.16 -10.63
CA CYS A 150 -0.05 -12.84 -10.20
C CYS A 150 -0.08 -11.55 -9.40
N LEU A 151 0.88 -11.41 -8.48
CA LEU A 151 0.98 -10.21 -7.65
C LEU A 151 1.27 -8.97 -8.49
N LYS A 152 2.15 -9.11 -9.47
CA LYS A 152 2.54 -7.99 -10.32
C LYS A 152 1.36 -7.52 -11.17
N SER A 153 0.54 -8.46 -11.63
CA SER A 153 -0.65 -8.11 -12.39
C SER A 153 -1.71 -7.48 -11.50
N ILE A 154 -1.75 -7.93 -10.24
CA ILE A 154 -2.68 -7.34 -9.28
C ILE A 154 -2.33 -5.87 -9.05
N ILE A 155 -1.05 -5.59 -8.85
CA ILE A 155 -0.57 -4.23 -8.67
C ILE A 155 -0.97 -3.32 -9.84
N LEU A 156 -0.79 -3.83 -11.05
CA LEU A 156 -1.14 -3.09 -12.26
C LEU A 156 -2.61 -2.70 -12.29
N LEU A 157 -3.48 -3.63 -11.90
CA LEU A 157 -4.92 -3.42 -11.98
C LEU A 157 -5.51 -2.73 -10.76
N ASN A 158 -4.83 -2.79 -9.63
CA ASN A 158 -5.40 -2.29 -8.38
C ASN A 158 -4.94 -0.89 -7.96
N SER A 159 -3.66 -0.60 -8.14
CA SER A 159 -3.07 0.61 -7.56
C SER A 159 -3.76 1.90 -8.00
N GLY A 160 -4.31 1.92 -9.21
CA GLY A 160 -5.01 3.09 -9.70
C GLY A 160 -6.50 2.92 -9.88
N VAL A 161 -7.04 1.80 -9.39
CA VAL A 161 -8.44 1.48 -9.67
C VAL A 161 -9.43 2.42 -8.96
N TYR A 162 -9.00 3.07 -7.89
CA TYR A 162 -9.91 3.90 -7.09
C TYR A 162 -9.80 5.39 -7.35
N THR A 163 -8.72 5.82 -8.00
CA THR A 163 -8.56 7.23 -8.33
C THR A 163 -9.20 7.53 -9.68
N PHE A 164 -10.14 6.68 -10.07
CA PHE A 164 -10.93 6.90 -11.28
C PHE A 164 -11.84 8.11 -11.12
N GLU A 173 -19.03 1.12 -15.03
CA GLU A 173 -19.13 -0.25 -15.49
C GLU A 173 -17.75 -0.86 -15.72
N GLU A 174 -16.82 -0.04 -16.21
CA GLU A 174 -15.45 -0.50 -16.48
C GLU A 174 -14.71 -0.83 -15.20
N LYS A 175 -15.16 -0.26 -14.09
CA LYS A 175 -14.57 -0.53 -12.79
C LYS A 175 -14.90 -1.95 -12.33
N ASP A 176 -16.10 -2.41 -12.65
CA ASP A 176 -16.51 -3.77 -12.32
C ASP A 176 -15.71 -4.80 -13.11
N HIS A 177 -15.38 -4.44 -14.35
CA HIS A 177 -14.58 -5.31 -15.21
C HIS A 177 -13.21 -5.59 -14.59
N ILE A 178 -12.54 -4.52 -14.16
CA ILE A 178 -11.25 -4.64 -13.49
C ILE A 178 -11.36 -5.52 -12.24
N HIS A 179 -12.41 -5.30 -11.46
CA HIS A 179 -12.62 -6.05 -10.24
C HIS A 179 -12.87 -7.54 -10.52
N ARG A 180 -13.54 -7.85 -11.63
CA ARG A 180 -13.77 -9.24 -12.00
C ARG A 180 -12.45 -9.91 -12.40
N VAL A 181 -11.60 -9.18 -13.10
CA VAL A 181 -10.29 -9.70 -13.47
C VAL A 181 -9.44 -9.89 -12.22
N LEU A 182 -9.56 -8.97 -11.26
CA LEU A 182 -8.85 -9.07 -10.00
C LEU A 182 -9.31 -10.28 -9.20
N ASP A 183 -10.62 -10.52 -9.17
CA ASP A 183 -11.17 -11.69 -8.50
C ASP A 183 -10.69 -12.97 -9.17
N LYS A 184 -10.54 -12.91 -10.49
CA LYS A 184 -10.04 -14.04 -11.26
C LYS A 184 -8.59 -14.38 -10.89
N ILE A 185 -7.77 -13.35 -10.68
CA ILE A 185 -6.40 -13.56 -10.27
C ILE A 185 -6.35 -14.09 -8.84
N THR A 186 -7.31 -13.68 -8.02
CA THR A 186 -7.44 -14.23 -6.67
C THR A 186 -7.70 -15.72 -6.74
N ASP A 187 -8.62 -16.12 -7.62
CA ASP A 187 -8.90 -17.54 -7.84
C ASP A 187 -7.65 -18.29 -8.27
N THR A 188 -6.88 -17.64 -9.15
CA THR A 188 -5.66 -18.24 -9.69
C THR A 188 -4.61 -18.47 -8.60
N LEU A 189 -4.47 -17.49 -7.71
CA LEU A 189 -3.56 -17.62 -6.58
C LEU A 189 -3.96 -18.77 -5.67
N ILE A 190 -5.23 -18.82 -5.31
CA ILE A 190 -5.74 -19.88 -4.46
C ILE A 190 -5.51 -21.25 -5.09
N HIS A 191 -5.78 -21.35 -6.39
CA HIS A 191 -5.60 -22.60 -7.13
C HIS A 191 -4.13 -23.04 -7.12
N LEU A 192 -3.22 -22.07 -7.25
CA LEU A 192 -1.79 -22.35 -7.21
C LEU A 192 -1.38 -22.89 -5.85
N MET A 193 -1.95 -22.32 -4.79
CA MET A 193 -1.63 -22.74 -3.43
C MET A 193 -2.22 -24.12 -3.12
N ALA A 194 -3.44 -24.36 -3.59
CA ALA A 194 -4.06 -25.67 -3.41
C ALA A 194 -3.30 -26.73 -4.19
N LYS A 195 -2.84 -26.36 -5.38
CA LYS A 195 -2.04 -27.24 -6.21
C LYS A 195 -0.69 -27.52 -5.56
N ALA A 196 -0.23 -26.57 -4.74
CA ALA A 196 1.05 -26.72 -4.04
C ALA A 196 0.91 -27.60 -2.80
N GLY A 197 -0.33 -27.95 -2.45
CA GLY A 197 -0.58 -28.85 -1.35
C GLY A 197 -0.89 -28.18 -0.02
N LEU A 198 -1.00 -26.85 -0.04
CA LEU A 198 -1.32 -26.12 1.18
C LEU A 198 -2.75 -26.42 1.63
N THR A 199 -2.95 -26.53 2.94
CA THR A 199 -4.27 -26.75 3.50
C THR A 199 -5.17 -25.54 3.22
N LEU A 200 -6.48 -25.74 3.38
CA LEU A 200 -7.45 -24.68 3.13
C LEU A 200 -7.17 -23.46 4.00
N GLN A 201 -6.79 -23.68 5.25
CA GLN A 201 -6.46 -22.60 6.16
C GLN A 201 -5.18 -21.90 5.73
N GLN A 202 -4.18 -22.67 5.34
CA GLN A 202 -2.91 -22.12 4.87
C GLN A 202 -3.08 -21.29 3.61
N GLN A 203 -4.08 -21.63 2.82
CA GLN A 203 -4.31 -20.94 1.56
C GLN A 203 -4.73 -19.49 1.77
N HIS A 204 -5.74 -19.26 2.61
CA HIS A 204 -6.21 -17.88 2.81
C HIS A 204 -5.23 -17.10 3.67
N GLN A 205 -4.48 -17.80 4.50
CA GLN A 205 -3.43 -17.17 5.31
C GLN A 205 -2.31 -16.64 4.43
N ARG A 206 -1.86 -17.47 3.49
CA ARG A 206 -0.79 -17.08 2.60
C ARG A 206 -1.25 -16.00 1.62
N LEU A 207 -2.50 -16.12 1.16
CA LEU A 207 -3.08 -15.10 0.30
C LEU A 207 -3.04 -13.74 0.98
N ALA A 208 -3.37 -13.73 2.28
CA ALA A 208 -3.34 -12.49 3.06
C ALA A 208 -1.91 -11.98 3.21
N GLN A 209 -0.99 -12.87 3.52
CA GLN A 209 0.42 -12.52 3.69
C GLN A 209 0.98 -11.86 2.45
N LEU A 210 0.67 -12.44 1.28
CA LEU A 210 1.18 -11.92 0.02
C LEU A 210 0.58 -10.57 -0.32
N LEU A 211 -0.71 -10.39 -0.06
CA LEU A 211 -1.39 -9.14 -0.40
C LEU A 211 -1.02 -8.02 0.55
N LEU A 212 -0.67 -8.36 1.78
CA LEU A 212 -0.23 -7.35 2.75
C LEU A 212 1.14 -6.78 2.40
N ILE A 213 1.92 -7.56 1.66
CA ILE A 213 3.23 -7.10 1.20
C ILE A 213 3.06 -5.99 0.16
N LEU A 214 1.97 -6.06 -0.60
CA LEU A 214 1.66 -5.06 -1.62
C LEU A 214 1.49 -3.67 -1.00
N SER A 215 1.05 -3.63 0.26
CA SER A 215 0.90 -2.37 0.96
C SER A 215 2.27 -1.74 1.24
N HIS A 216 3.26 -2.59 1.46
CA HIS A 216 4.63 -2.13 1.69
C HIS A 216 5.31 -1.73 0.38
N ILE A 217 4.96 -2.42 -0.70
CA ILE A 217 5.45 -2.08 -2.03
C ILE A 217 4.90 -0.72 -2.44
N ARG A 218 3.62 -0.48 -2.13
CA ARG A 218 3.00 0.82 -2.33
C ARG A 218 3.79 1.90 -1.58
N HIS A 219 4.13 1.59 -0.34
CA HIS A 219 4.88 2.50 0.52
C HIS A 219 6.23 2.84 -0.07
N MET A 220 6.98 1.82 -0.48
CA MET A 220 8.30 2.01 -1.08
C MET A 220 8.23 2.85 -2.35
N SER A 221 7.17 2.63 -3.13
CA SER A 221 6.96 3.38 -4.37
C SER A 221 6.76 4.87 -4.11
N ASN A 222 5.89 5.19 -3.14
CA ASN A 222 5.63 6.58 -2.77
C ASN A 222 6.90 7.28 -2.30
N LYS A 223 7.68 6.58 -1.48
CA LYS A 223 8.96 7.11 -1.01
C LYS A 223 9.95 7.25 -2.16
N GLY A 224 9.94 6.28 -3.06
CA GLY A 224 10.81 6.31 -4.22
C GLY A 224 10.45 7.43 -5.18
N MET A 225 9.16 7.73 -5.25
CA MET A 225 8.68 8.82 -6.10
C MET A 225 9.16 10.17 -5.56
N GLU A 226 9.06 10.33 -4.25
CA GLU A 226 9.53 11.54 -3.58
C GLU A 226 11.03 11.73 -3.79
N HIS A 227 11.78 10.64 -3.66
CA HIS A 227 13.22 10.70 -3.81
C HIS A 227 13.62 11.04 -5.24
N LEU A 228 12.96 10.40 -6.20
CA LEU A 228 13.22 10.65 -7.61
C LEU A 228 12.88 12.10 -7.98
N TYR A 229 11.77 12.59 -7.45
CA TYR A 229 11.35 13.96 -7.66
C TYR A 229 12.37 14.93 -7.05
N SER A 230 12.93 14.55 -5.92
CA SER A 230 13.96 15.34 -5.26
C SER A 230 15.22 15.42 -6.12
N MET A 231 15.61 14.30 -6.73
CA MET A 231 16.80 14.26 -7.57
C MET A 231 16.59 15.09 -8.83
N LYS A 232 15.34 15.18 -9.27
CA LYS A 232 14.99 15.98 -10.45
C LYS A 232 15.07 17.47 -10.16
N CYS A 233 14.53 17.87 -9.01
CA CYS A 233 14.47 19.28 -8.63
C CYS A 233 15.82 19.81 -8.15
N LYS A 234 16.80 18.93 -8.07
CA LYS A 234 18.15 19.34 -7.69
C LYS A 234 19.11 19.13 -8.85
N ASN A 235 18.56 18.80 -10.01
CA ASN A 235 19.33 18.63 -11.25
C ASN A 235 20.45 17.62 -11.12
N VAL A 236 20.23 16.59 -10.31
CA VAL A 236 21.23 15.54 -10.11
C VAL A 236 21.38 14.73 -11.39
N VAL A 237 20.26 14.38 -11.99
CA VAL A 237 20.24 13.53 -13.16
C VAL A 237 19.18 14.01 -14.15
N PRO A 238 19.52 14.02 -15.45
CA PRO A 238 18.51 14.34 -16.46
C PRO A 238 17.58 13.14 -16.71
N LEU A 239 16.29 13.35 -16.51
CA LEU A 239 15.31 12.30 -16.71
C LEU A 239 14.76 12.32 -18.12
N SER A 240 14.46 11.14 -18.67
CA SER A 240 13.84 11.05 -19.99
C SER A 240 12.47 11.71 -19.96
N ASP A 241 12.00 12.12 -21.13
CA ASP A 241 10.69 12.76 -21.23
C ASP A 241 9.60 11.82 -20.74
N LEU A 242 9.79 10.53 -20.96
CA LEU A 242 8.86 9.51 -20.48
C LEU A 242 8.83 9.51 -18.94
N LEU A 243 10.01 9.42 -18.33
CA LEU A 243 10.11 9.42 -16.87
C LEU A 243 9.55 10.70 -16.26
N LEU A 244 9.80 11.82 -16.92
CA LEU A 244 9.28 13.10 -16.46
C LEU A 244 7.76 13.09 -16.46
N GLU A 245 7.17 12.45 -17.46
CA GLU A 245 5.71 12.35 -17.55
C GLU A 245 5.15 11.41 -16.50
N MET A 246 5.82 10.28 -16.28
CA MET A 246 5.38 9.33 -15.26
C MET A 246 5.47 9.94 -13.87
N LEU A 247 6.49 10.78 -13.68
CA LEU A 247 6.72 11.44 -12.41
C LEU A 247 5.69 12.54 -12.16
N ASP A 248 5.41 13.32 -13.20
CA ASP A 248 4.44 14.41 -13.12
C ASP A 248 3.03 13.91 -12.79
N ALA A 249 2.76 12.64 -13.11
CA ALA A 249 1.47 12.04 -12.82
C ALA A 249 1.24 11.91 -11.32
N HIS A 250 2.32 11.83 -10.56
CA HIS A 250 2.24 11.70 -9.11
C HIS A 250 2.38 13.04 -8.40
N ARG A 251 2.51 14.11 -9.18
CA ARG A 251 2.64 15.45 -8.64
C ARG A 251 1.71 16.44 -9.35
N SER B 8 0.58 -13.96 24.11
CA SER B 8 0.38 -15.40 24.03
C SER B 8 -1.09 -15.77 24.11
N LEU B 9 -1.85 -14.99 24.87
CA LEU B 9 -3.28 -15.24 25.04
C LEU B 9 -4.05 -14.93 23.76
N ALA B 10 -3.49 -14.05 22.94
CA ALA B 10 -4.12 -13.66 21.68
C ALA B 10 -4.26 -14.86 20.73
N LEU B 11 -3.29 -15.75 20.79
CA LEU B 11 -3.29 -16.94 19.94
C LEU B 11 -4.33 -17.96 20.42
N SER B 12 -4.79 -17.80 21.66
CA SER B 12 -5.73 -18.72 22.26
C SER B 12 -7.18 -18.31 22.00
N LEU B 13 -7.38 -17.06 21.60
CA LEU B 13 -8.70 -16.53 21.32
C LEU B 13 -9.36 -17.27 20.16
N THR B 14 -10.64 -17.57 20.31
CA THR B 14 -11.42 -18.10 19.18
C THR B 14 -11.77 -16.94 18.26
N ALA B 15 -12.34 -17.26 17.10
CA ALA B 15 -12.67 -16.24 16.12
C ALA B 15 -13.72 -15.25 16.66
N ASP B 16 -14.62 -15.75 17.50
CA ASP B 16 -15.64 -14.91 18.11
C ASP B 16 -15.06 -14.07 19.24
N GLN B 17 -14.04 -14.58 19.90
CA GLN B 17 -13.37 -13.84 20.97
C GLN B 17 -12.62 -12.64 20.39
N MET B 18 -12.04 -12.84 19.21
CA MET B 18 -11.30 -11.78 18.53
C MET B 18 -12.21 -10.61 18.17
N VAL B 19 -13.33 -10.93 17.52
CA VAL B 19 -14.31 -9.91 17.14
C VAL B 19 -14.81 -9.14 18.35
N SER B 20 -15.20 -9.87 19.40
CA SER B 20 -15.70 -9.25 20.61
C SER B 20 -14.66 -8.34 21.26
N ALA B 21 -13.42 -8.82 21.34
CA ALA B 21 -12.34 -8.03 21.92
C ALA B 21 -12.11 -6.74 21.15
N LEU B 22 -12.13 -6.83 19.83
CA LEU B 22 -11.90 -5.66 18.98
C LEU B 22 -13.07 -4.68 19.04
N LEU B 23 -14.29 -5.22 19.06
CA LEU B 23 -15.49 -4.38 19.14
C LEU B 23 -15.55 -3.62 20.46
N ASP B 24 -15.15 -4.27 21.54
CA ASP B 24 -15.15 -3.65 22.86
C ASP B 24 -14.03 -2.63 22.99
N ALA B 25 -12.99 -2.78 22.19
CA ALA B 25 -11.82 -1.90 22.27
C ALA B 25 -11.97 -0.66 21.40
N GLU B 26 -13.09 -0.59 20.67
CA GLU B 26 -13.34 0.52 19.74
C GLU B 26 -13.33 1.87 20.44
N PRO B 27 -12.57 2.82 19.87
CA PRO B 27 -12.52 4.19 20.39
C PRO B 27 -13.83 4.93 20.13
N PRO B 28 -14.13 5.96 20.93
CA PRO B 28 -15.36 6.74 20.74
C PRO B 28 -15.29 7.66 19.52
N ILE B 29 -16.44 8.17 19.11
CA ILE B 29 -16.49 9.16 18.04
C ILE B 29 -16.47 10.57 18.65
N LEU B 30 -15.34 11.24 18.50
CA LEU B 30 -15.15 12.55 19.14
C LEU B 30 -15.79 13.68 18.34
N TYR B 31 -16.01 14.81 19.01
CA TYR B 31 -16.54 16.01 18.37
C TYR B 31 -15.42 17.02 18.13
N SER B 32 -15.69 18.00 17.27
CA SER B 32 -14.74 19.09 17.05
C SER B 32 -15.29 20.38 17.63
N GLU B 33 -14.56 21.47 17.44
CA GLU B 33 -14.99 22.77 17.95
C GLU B 33 -16.09 23.38 17.07
N PRO B 39 -18.60 30.19 9.18
CA PRO B 39 -17.66 30.73 8.18
C PRO B 39 -16.22 30.27 8.44
N PHE B 40 -15.78 29.24 7.70
CA PHE B 40 -14.47 28.65 7.92
C PHE B 40 -13.41 29.20 6.97
N SER B 41 -12.16 29.18 7.41
CA SER B 41 -11.02 29.58 6.60
C SER B 41 -10.05 28.42 6.44
N GLU B 42 -8.88 28.69 5.87
CA GLU B 42 -7.87 27.66 5.69
C GLU B 42 -7.26 27.26 7.03
N ALA B 43 -6.79 28.26 7.79
CA ALA B 43 -6.20 28.01 9.09
C ALA B 43 -7.24 27.50 10.08
N SER B 44 -8.49 27.87 9.86
CA SER B 44 -9.60 27.46 10.71
C SER B 44 -9.85 25.95 10.59
N MET B 45 -10.08 25.50 9.36
CA MET B 45 -10.38 24.10 9.11
C MET B 45 -9.19 23.20 9.48
N MET B 46 -7.99 23.63 9.12
CA MET B 46 -6.78 22.89 9.47
C MET B 46 -6.64 22.80 10.98
N GLY B 47 -6.99 23.89 11.66
CA GLY B 47 -6.98 23.92 13.11
C GLY B 47 -7.93 22.88 13.67
N LEU B 48 -9.13 22.82 13.11
CA LEU B 48 -10.16 21.88 13.57
C LEU B 48 -9.75 20.44 13.34
N LEU B 49 -9.20 20.16 12.16
CA LEU B 49 -8.83 18.80 11.78
C LEU B 49 -7.65 18.28 12.60
N THR B 50 -6.65 19.13 12.78
CA THR B 50 -5.45 18.76 13.53
C THR B 50 -5.74 18.65 15.03
N ASN B 51 -6.62 19.52 15.53
CA ASN B 51 -7.08 19.42 16.91
C ASN B 51 -7.84 18.12 17.13
N LEU B 52 -8.65 17.75 16.15
CA LEU B 52 -9.42 16.52 16.20
C LEU B 52 -8.50 15.31 16.16
N ALA B 53 -7.53 15.35 15.25
CA ALA B 53 -6.57 14.27 15.09
C ALA B 53 -5.77 14.04 16.38
N ASP B 54 -5.42 15.14 17.04
CA ASP B 54 -4.64 15.07 18.27
C ASP B 54 -5.40 14.35 19.38
N ARG B 55 -6.68 14.67 19.54
CA ARG B 55 -7.49 14.03 20.57
C ARG B 55 -7.77 12.58 20.20
N GLU B 56 -7.93 12.29 18.92
CA GLU B 56 -8.13 10.93 18.45
C GLU B 56 -6.92 10.06 18.68
N LEU B 57 -5.74 10.65 18.56
CA LEU B 57 -4.51 9.92 18.79
C LEU B 57 -4.43 9.34 20.19
N VAL B 58 -4.89 10.11 21.17
CA VAL B 58 -4.87 9.66 22.56
C VAL B 58 -5.73 8.42 22.73
N HIS B 59 -6.88 8.40 22.09
CA HIS B 59 -7.79 7.25 22.13
C HIS B 59 -7.24 6.07 21.34
N MET B 60 -6.52 6.36 20.27
CA MET B 60 -5.95 5.29 19.43
C MET B 60 -4.88 4.52 20.18
N ILE B 61 -4.06 5.24 20.94
CA ILE B 61 -2.97 4.65 21.70
C ILE B 61 -3.47 3.64 22.72
N ASN B 62 -4.53 4.00 23.44
CA ASN B 62 -5.14 3.10 24.40
C ASN B 62 -5.95 1.99 23.73
N TRP B 63 -6.34 2.24 22.49
CA TRP B 63 -7.01 1.22 21.68
C TRP B 63 -6.03 0.14 21.26
N ALA B 64 -4.82 0.55 20.88
CA ALA B 64 -3.79 -0.37 20.40
C ALA B 64 -3.42 -1.38 21.49
N LYS B 65 -3.34 -0.89 22.72
CA LYS B 65 -3.00 -1.73 23.87
C LYS B 65 -4.08 -2.79 24.13
N ARG B 66 -5.25 -2.58 23.55
CA ARG B 66 -6.35 -3.53 23.72
C ARG B 66 -6.49 -4.44 22.50
N VAL B 67 -5.66 -4.22 21.49
CA VAL B 67 -5.60 -5.12 20.35
C VAL B 67 -4.76 -6.34 20.74
N PRO B 68 -5.37 -7.53 20.70
CA PRO B 68 -4.74 -8.78 21.15
C PRO B 68 -3.37 -9.04 20.54
N GLY B 69 -2.37 -9.21 21.39
CA GLY B 69 -1.02 -9.50 20.94
C GLY B 69 -0.11 -8.29 20.91
N PHE B 70 -0.69 -7.10 20.99
CA PHE B 70 0.08 -5.86 20.88
C PHE B 70 0.90 -5.58 22.14
N VAL B 71 0.35 -5.90 23.30
CA VAL B 71 1.05 -5.64 24.56
C VAL B 71 2.16 -6.65 24.81
N ASP B 72 2.16 -7.75 24.05
CA ASP B 72 3.22 -8.74 24.14
C ASP B 72 4.52 -8.16 23.61
N LEU B 73 4.40 -7.18 22.74
CA LEU B 73 5.54 -6.54 22.10
C LEU B 73 6.30 -5.63 23.07
N THR B 74 7.56 -5.37 22.75
CA THR B 74 8.35 -4.41 23.51
C THR B 74 7.82 -3.01 23.27
N LEU B 75 8.16 -2.08 24.17
CA LEU B 75 7.74 -0.69 24.03
C LEU B 75 8.25 -0.10 22.72
N HIS B 76 9.47 -0.47 22.36
CA HIS B 76 10.08 0.00 21.11
C HIS B 76 9.25 -0.41 19.90
N ASP B 77 8.85 -1.66 19.86
CA ASP B 77 8.05 -2.18 18.75
C ASP B 77 6.66 -1.56 18.74
N GLN B 78 6.09 -1.35 19.92
CA GLN B 78 4.79 -0.70 20.03
C GLN B 78 4.84 0.72 19.49
N VAL B 79 5.88 1.45 19.88
CA VAL B 79 6.09 2.82 19.42
C VAL B 79 6.25 2.87 17.91
N HIS B 80 7.07 1.97 17.37
CA HIS B 80 7.34 1.90 15.94
C HIS B 80 6.08 1.64 15.14
N LEU B 81 5.28 0.67 15.58
CA LEU B 81 4.05 0.31 14.87
C LEU B 81 3.05 1.47 14.83
N LEU B 82 2.92 2.17 15.95
CA LEU B 82 1.99 3.31 16.03
C LEU B 82 2.49 4.50 15.22
N GLU B 83 3.80 4.73 15.25
CA GLU B 83 4.39 5.81 14.46
C GLU B 83 4.15 5.61 12.97
N CYS B 84 4.24 4.37 12.51
CA CYS B 84 4.08 4.06 11.10
C CYS B 84 2.63 4.10 10.65
N ALA B 85 1.71 3.71 11.54
CA ALA B 85 0.35 3.39 11.14
C ALA B 85 -0.71 4.42 11.55
N TRP B 86 -0.33 5.42 12.34
CA TRP B 86 -1.32 6.28 12.99
C TRP B 86 -2.24 7.02 12.01
N LEU B 87 -1.69 7.55 10.93
CA LEU B 87 -2.52 8.29 9.96
C LEU B 87 -3.39 7.34 9.15
N GLU B 88 -2.86 6.15 8.87
CA GLU B 88 -3.64 5.10 8.22
C GLU B 88 -4.86 4.74 9.07
N ILE B 89 -4.64 4.60 10.37
CA ILE B 89 -5.70 4.22 11.29
C ILE B 89 -6.75 5.32 11.41
N LEU B 90 -6.30 6.57 11.43
CA LEU B 90 -7.22 7.71 11.45
C LEU B 90 -8.04 7.78 10.17
N MET B 91 -7.40 7.47 9.05
CA MET B 91 -8.05 7.58 7.75
C MET B 91 -9.09 6.49 7.53
N ILE B 92 -8.79 5.26 7.92
CA ILE B 92 -9.76 4.18 7.74
C ILE B 92 -10.94 4.40 8.70
N GLY B 93 -10.67 5.08 9.81
CA GLY B 93 -11.72 5.46 10.73
C GLY B 93 -12.67 6.44 10.09
N LEU B 94 -12.11 7.53 9.56
CA LEU B 94 -12.88 8.56 8.88
C LEU B 94 -13.71 7.98 7.73
N VAL B 95 -13.06 7.18 6.90
CA VAL B 95 -13.71 6.53 5.77
C VAL B 95 -14.87 5.65 6.22
N TRP B 96 -14.69 4.97 7.35
CA TRP B 96 -15.72 4.11 7.91
C TRP B 96 -16.94 4.90 8.40
N ARG B 97 -16.68 6.00 9.10
CA ARG B 97 -17.77 6.85 9.61
CA ARG B 97 -17.77 6.85 9.60
C ARG B 97 -18.51 7.53 8.46
N SER B 98 -17.83 7.71 7.34
CA SER B 98 -18.39 8.42 6.19
C SER B 98 -19.13 7.51 5.22
N MET B 99 -19.26 6.23 5.58
CA MET B 99 -19.86 5.24 4.68
C MET B 99 -21.29 5.59 4.29
N GLU B 100 -22.09 5.97 5.27
CA GLU B 100 -23.51 6.27 5.04
C GLU B 100 -23.73 7.73 4.66
N HIS B 101 -22.67 8.40 4.22
CA HIS B 101 -22.77 9.79 3.78
C HIS B 101 -22.05 10.01 2.46
N PRO B 102 -22.66 9.57 1.35
CA PRO B 102 -22.08 9.64 0.00
C PRO B 102 -21.61 11.04 -0.37
N GLY B 103 -20.35 11.16 -0.79
CA GLY B 103 -19.80 12.44 -1.20
C GLY B 103 -19.44 13.34 -0.03
N LYS B 104 -19.54 12.80 1.18
CA LYS B 104 -19.24 13.57 2.38
C LYS B 104 -18.29 12.83 3.30
N LEU B 105 -17.40 13.59 3.94
CA LEU B 105 -16.50 13.03 4.94
C LEU B 105 -16.98 13.40 6.34
N LEU B 106 -17.17 12.40 7.19
CA LEU B 106 -17.64 12.63 8.55
C LEU B 106 -16.47 12.65 9.53
N PHE B 107 -15.76 13.79 9.56
CA PHE B 107 -14.69 13.96 10.52
C PHE B 107 -15.25 13.92 11.93
N ALA B 108 -16.39 14.58 12.11
CA ALA B 108 -17.10 14.59 13.38
C ALA B 108 -18.59 14.72 13.10
N PRO B 109 -19.43 14.26 14.05
CA PRO B 109 -20.88 14.39 13.89
C PRO B 109 -21.32 15.83 13.59
N ASN B 110 -20.57 16.80 14.11
CA ASN B 110 -20.87 18.20 13.85
C ASN B 110 -19.97 18.78 12.77
N LEU B 111 -19.10 17.93 12.21
CA LEU B 111 -18.19 18.36 11.15
C LEU B 111 -18.29 17.44 9.94
N LEU B 112 -19.31 17.66 9.12
CA LEU B 112 -19.53 16.86 7.93
C LEU B 112 -19.17 17.65 6.68
N LEU B 113 -18.01 17.33 6.09
CA LEU B 113 -17.50 18.11 4.98
C LEU B 113 -17.68 17.40 3.63
N ASP B 114 -18.10 18.17 2.62
CA ASP B 114 -18.13 17.66 1.25
C ASP B 114 -16.78 17.93 0.60
N ARG B 115 -16.63 17.52 -0.65
CA ARG B 115 -15.34 17.64 -1.33
C ARG B 115 -14.98 19.09 -1.62
N ASN B 116 -15.99 19.94 -1.76
CA ASN B 116 -15.76 21.35 -2.08
C ASN B 116 -15.16 22.13 -0.92
N GLN B 117 -15.49 21.71 0.30
CA GLN B 117 -14.94 22.33 1.50
C GLN B 117 -13.49 21.90 1.72
N GLY B 118 -13.05 20.91 0.96
CA GLY B 118 -11.67 20.47 1.00
C GLY B 118 -10.78 21.41 0.20
N LYS B 119 -11.40 22.24 -0.62
CA LYS B 119 -10.68 23.21 -1.43
C LYS B 119 -10.30 24.44 -0.61
N CYS B 120 -10.86 24.54 0.59
CA CYS B 120 -10.53 25.62 1.52
C CYS B 120 -9.07 25.50 1.96
N VAL B 121 -8.54 24.29 1.90
CA VAL B 121 -7.14 24.04 2.18
C VAL B 121 -6.42 23.61 0.90
N GLU B 122 -5.28 24.25 0.63
CA GLU B 122 -4.53 23.99 -0.60
C GLU B 122 -4.01 22.57 -0.69
N GLY B 123 -4.37 21.87 -1.76
CA GLY B 123 -3.86 20.55 -2.03
C GLY B 123 -4.57 19.43 -1.30
N MET B 124 -5.47 19.79 -0.39
CA MET B 124 -6.17 18.81 0.42
C MET B 124 -7.31 18.13 -0.34
N VAL B 125 -7.81 18.81 -1.36
CA VAL B 125 -8.96 18.31 -2.12
C VAL B 125 -8.63 16.99 -2.83
N GLU B 126 -7.37 16.82 -3.22
CA GLU B 126 -6.93 15.58 -3.85
C GLU B 126 -7.01 14.42 -2.86
N ILE B 127 -6.60 14.69 -1.62
CA ILE B 127 -6.66 13.69 -0.56
C ILE B 127 -8.11 13.39 -0.19
N PHE B 128 -8.94 14.44 -0.17
CA PHE B 128 -10.36 14.28 0.07
C PHE B 128 -11.00 13.33 -0.92
N ASP B 129 -10.65 13.49 -2.20
CA ASP B 129 -11.18 12.63 -3.27
C ASP B 129 -10.83 11.17 -3.04
N MET B 130 -9.59 10.91 -2.63
CA MET B 130 -9.14 9.54 -2.39
C MET B 130 -9.87 8.92 -1.21
N LEU B 131 -10.16 9.73 -0.21
CA LEU B 131 -10.90 9.28 0.97
C LEU B 131 -12.35 8.97 0.61
N LEU B 132 -12.95 9.84 -0.19
CA LEU B 132 -14.34 9.65 -0.64
C LEU B 132 -14.47 8.41 -1.51
N ALA B 133 -13.50 8.20 -2.39
CA ALA B 133 -13.51 7.03 -3.26
C ALA B 133 -13.38 5.75 -2.45
N THR B 134 -12.58 5.80 -1.39
CA THR B 134 -12.41 4.65 -0.50
C THR B 134 -13.71 4.35 0.22
N SER B 135 -14.36 5.39 0.71
CA SER B 135 -15.63 5.27 1.41
C SER B 135 -16.70 4.69 0.49
N SER B 136 -16.69 5.10 -0.77
CA SER B 136 -17.63 4.59 -1.75
C SER B 136 -17.39 3.12 -2.01
N ARG B 137 -16.12 2.72 -2.01
CA ARG B 137 -15.75 1.33 -2.20
C ARG B 137 -16.24 0.46 -1.04
N PHE B 138 -16.05 0.95 0.18
CA PHE B 138 -16.56 0.26 1.36
C PHE B 138 -18.07 0.09 1.30
N ARG B 139 -18.74 1.11 0.78
CA ARG B 139 -20.19 1.10 0.66
C ARG B 139 -20.63 0.11 -0.41
N MET B 140 -19.89 0.07 -1.52
CA MET B 140 -20.17 -0.88 -2.60
C MET B 140 -19.99 -2.31 -2.13
N MET B 141 -18.99 -2.54 -1.29
CA MET B 141 -18.72 -3.87 -0.76
C MET B 141 -19.65 -4.23 0.40
N ASN B 142 -20.38 -3.23 0.89
CA ASN B 142 -21.20 -3.37 2.09
C ASN B 142 -20.35 -3.88 3.24
N LEU B 143 -19.28 -3.14 3.53
CA LEU B 143 -18.35 -3.48 4.60
C LEU B 143 -19.05 -3.54 5.95
N GLN B 144 -18.80 -4.62 6.69
CA GLN B 144 -19.41 -4.80 8.00
C GLN B 144 -18.50 -4.26 9.10
N GLY B 145 -19.09 -3.91 10.24
CA GLY B 145 -18.33 -3.38 11.37
C GLY B 145 -17.31 -4.38 11.89
N GLU B 146 -17.65 -5.65 11.87
CA GLU B 146 -16.76 -6.70 12.33
C GLU B 146 -15.55 -6.83 11.41
N GLU B 147 -15.78 -6.64 10.10
CA GLU B 147 -14.70 -6.66 9.13
C GLU B 147 -13.80 -5.44 9.30
N PHE B 148 -14.43 -4.31 9.57
CA PHE B 148 -13.71 -3.04 9.74
C PHE B 148 -12.69 -3.09 10.88
N VAL B 149 -13.12 -3.56 12.05
CA VAL B 149 -12.23 -3.62 13.20
C VAL B 149 -11.08 -4.60 12.98
N CYS B 150 -11.32 -5.61 12.15
CA CYS B 150 -10.26 -6.54 11.78
C CYS B 150 -9.24 -5.87 10.88
N LEU B 151 -9.72 -5.12 9.89
CA LEU B 151 -8.85 -4.41 8.97
C LEU B 151 -8.00 -3.37 9.68
N LYS B 152 -8.60 -2.68 10.65
CA LYS B 152 -7.89 -1.65 11.39
C LYS B 152 -6.77 -2.25 12.24
N SER B 153 -7.04 -3.40 12.85
CA SER B 153 -6.02 -4.09 13.62
C SER B 153 -4.89 -4.59 12.72
N ILE B 154 -5.25 -5.06 11.54
CA ILE B 154 -4.27 -5.51 10.56
C ILE B 154 -3.32 -4.39 10.17
N ILE B 155 -3.88 -3.20 9.93
CA ILE B 155 -3.09 -2.03 9.57
C ILE B 155 -2.06 -1.71 10.65
N LEU B 156 -2.51 -1.70 11.89
CA LEU B 156 -1.64 -1.43 13.04
C LEU B 156 -0.45 -2.38 13.09
N LEU B 157 -0.70 -3.66 12.84
CA LEU B 157 0.33 -4.68 12.99
C LEU B 157 1.19 -4.87 11.74
N ASN B 158 0.66 -4.51 10.58
CA ASN B 158 1.35 -4.78 9.32
C ASN B 158 2.21 -3.63 8.81
N SER B 159 1.72 -2.40 8.92
CA SER B 159 2.33 -1.25 8.24
C SER B 159 3.79 -1.00 8.58
N GLY B 160 4.24 -1.49 9.73
CA GLY B 160 5.63 -1.29 10.14
C GLY B 160 6.39 -2.55 10.47
N VAL B 161 5.86 -3.70 10.05
CA VAL B 161 6.44 -4.98 10.42
C VAL B 161 7.76 -5.27 9.70
N TYR B 162 7.95 -4.67 8.52
CA TYR B 162 9.15 -4.94 7.72
C TYR B 162 10.22 -3.87 7.89
N THR B 163 9.84 -2.74 8.49
CA THR B 163 10.79 -1.66 8.75
C THR B 163 11.38 -1.77 10.16
N GLU B 174 10.01 -12.69 17.58
CA GLU B 174 9.36 -11.40 17.80
C GLU B 174 8.55 -10.97 16.58
N LYS B 175 9.20 -10.95 15.42
CA LYS B 175 8.52 -10.64 14.17
C LYS B 175 7.58 -11.77 13.77
N ASP B 176 7.87 -12.96 14.28
CA ASP B 176 7.04 -14.13 14.00
C ASP B 176 5.74 -14.07 14.79
N HIS B 177 5.80 -13.49 15.98
CA HIS B 177 4.60 -13.33 16.81
C HIS B 177 3.60 -12.39 16.15
N ILE B 178 4.13 -11.34 15.52
CA ILE B 178 3.29 -10.40 14.77
C ILE B 178 2.57 -11.11 13.64
N HIS B 179 3.29 -11.97 12.92
CA HIS B 179 2.72 -12.71 11.81
C HIS B 179 1.74 -13.78 12.29
N ARG B 180 1.97 -14.30 13.49
CA ARG B 180 1.04 -15.24 14.11
C ARG B 180 -0.29 -14.56 14.39
N VAL B 181 -0.23 -13.39 15.00
CA VAL B 181 -1.43 -12.60 15.29
C VAL B 181 -2.12 -12.18 14.01
N LEU B 182 -1.33 -11.78 13.02
CA LEU B 182 -1.86 -11.39 11.72
C LEU B 182 -2.64 -12.52 11.07
N ASP B 183 -2.10 -13.74 11.14
CA ASP B 183 -2.78 -14.90 10.61
C ASP B 183 -4.11 -15.14 11.34
N LYS B 184 -4.11 -14.90 12.65
CA LYS B 184 -5.32 -15.06 13.46
C LYS B 184 -6.43 -14.12 12.99
N ILE B 185 -6.05 -12.89 12.68
CA ILE B 185 -7.03 -11.91 12.22
C ILE B 185 -7.55 -12.29 10.83
N THR B 186 -6.67 -12.87 10.01
CA THR B 186 -7.10 -13.39 8.71
C THR B 186 -8.13 -14.50 8.92
N ASP B 187 -7.84 -15.40 9.86
CA ASP B 187 -8.78 -16.45 10.22
C ASP B 187 -10.11 -15.86 10.69
N THR B 188 -10.02 -14.77 11.44
CA THR B 188 -11.20 -14.10 11.97
C THR B 188 -12.06 -13.49 10.85
N LEU B 189 -11.41 -12.88 9.87
CA LEU B 189 -12.11 -12.32 8.72
C LEU B 189 -12.84 -13.41 7.93
N ILE B 190 -12.14 -14.49 7.64
CA ILE B 190 -12.71 -15.63 6.93
C ILE B 190 -13.90 -16.20 7.72
N HIS B 191 -13.74 -16.27 9.04
CA HIS B 191 -14.80 -16.74 9.93
C HIS B 191 -16.08 -15.92 9.77
N LEU B 192 -15.92 -14.59 9.72
CA LEU B 192 -17.06 -13.69 9.57
C LEU B 192 -17.74 -13.85 8.22
N MET B 193 -16.95 -14.17 7.19
CA MET B 193 -17.48 -14.32 5.85
C MET B 193 -18.21 -15.65 5.70
N ALA B 194 -17.63 -16.70 6.26
CA ALA B 194 -18.27 -18.01 6.27
C ALA B 194 -19.57 -17.96 7.05
N LYS B 195 -19.57 -17.16 8.11
CA LYS B 195 -20.75 -16.99 8.94
C LYS B 195 -21.82 -16.19 8.19
N ALA B 196 -21.36 -15.35 7.26
CA ALA B 196 -22.28 -14.53 6.47
C ALA B 196 -22.88 -15.32 5.32
N GLY B 197 -22.45 -16.57 5.16
CA GLY B 197 -23.02 -17.45 4.16
C GLY B 197 -22.29 -17.46 2.83
N LEU B 198 -21.16 -16.78 2.77
CA LEU B 198 -20.38 -16.74 1.53
C LEU B 198 -19.77 -18.09 1.21
N THR B 199 -19.71 -18.42 -0.08
CA THR B 199 -19.05 -19.65 -0.51
C THR B 199 -17.55 -19.52 -0.33
N LEU B 200 -16.84 -20.63 -0.46
CA LEU B 200 -15.40 -20.64 -0.27
C LEU B 200 -14.70 -19.72 -1.26
N GLN B 201 -15.17 -19.71 -2.50
CA GLN B 201 -14.60 -18.85 -3.53
C GLN B 201 -14.89 -17.38 -3.22
N GLN B 202 -16.07 -17.12 -2.67
CA GLN B 202 -16.46 -15.76 -2.33
C GLN B 202 -15.67 -15.22 -1.14
N GLN B 203 -15.38 -16.10 -0.18
CA GLN B 203 -14.58 -15.72 0.99
C GLN B 203 -13.20 -15.24 0.56
N HIS B 204 -12.54 -16.04 -0.26
CA HIS B 204 -11.20 -15.72 -0.73
C HIS B 204 -11.17 -14.44 -1.55
N GLN B 205 -12.15 -14.29 -2.44
CA GLN B 205 -12.25 -13.08 -3.25
C GLN B 205 -12.50 -11.84 -2.40
N ARG B 206 -13.40 -11.94 -1.44
CA ARG B 206 -13.73 -10.79 -0.59
C ARG B 206 -12.55 -10.41 0.30
N LEU B 207 -11.82 -11.43 0.78
CA LEU B 207 -10.63 -11.20 1.57
C LEU B 207 -9.61 -10.42 0.75
N ALA B 208 -9.44 -10.82 -0.50
CA ALA B 208 -8.50 -10.14 -1.40
C ALA B 208 -8.92 -8.69 -1.64
N GLN B 209 -10.21 -8.48 -1.88
CA GLN B 209 -10.73 -7.15 -2.13
C GLN B 209 -10.48 -6.20 -0.96
N LEU B 210 -10.73 -6.70 0.25
CA LEU B 210 -10.56 -5.88 1.45
C LEU B 210 -9.10 -5.52 1.69
N LEU B 211 -8.22 -6.49 1.51
CA LEU B 211 -6.80 -6.28 1.79
C LEU B 211 -6.13 -5.36 0.76
N LEU B 212 -6.60 -5.40 -0.48
CA LEU B 212 -6.05 -4.52 -1.51
C LEU B 212 -6.40 -3.05 -1.25
N ILE B 213 -7.47 -2.83 -0.50
CA ILE B 213 -7.89 -1.49 -0.14
C ILE B 213 -6.86 -0.88 0.82
N LEU B 214 -6.21 -1.73 1.60
CA LEU B 214 -5.20 -1.27 2.54
C LEU B 214 -4.01 -0.64 1.83
N SER B 215 -3.78 -1.02 0.58
CA SER B 215 -2.68 -0.43 -0.19
C SER B 215 -3.05 0.99 -0.60
N HIS B 216 -4.33 1.22 -0.87
CA HIS B 216 -4.82 2.55 -1.18
C HIS B 216 -4.78 3.42 0.07
N ILE B 217 -5.10 2.81 1.21
CA ILE B 217 -5.06 3.50 2.49
C ILE B 217 -3.62 3.87 2.83
N ARG B 218 -2.69 2.97 2.51
CA ARG B 218 -1.26 3.26 2.67
C ARG B 218 -0.87 4.45 1.81
N HIS B 219 -1.36 4.44 0.57
CA HIS B 219 -1.10 5.52 -0.39
C HIS B 219 -1.63 6.87 0.11
N MET B 220 -2.85 6.86 0.66
CA MET B 220 -3.46 8.08 1.17
C MET B 220 -2.69 8.64 2.36
N SER B 221 -2.22 7.74 3.22
CA SER B 221 -1.44 8.13 4.38
C SER B 221 -0.12 8.80 3.96
N ASN B 222 0.55 8.22 2.98
CA ASN B 222 1.80 8.77 2.48
C ASN B 222 1.60 10.17 1.91
N LYS B 223 0.51 10.35 1.18
CA LYS B 223 0.16 11.65 0.62
C LYS B 223 -0.20 12.64 1.73
N GLY B 224 -0.93 12.15 2.73
CA GLY B 224 -1.34 12.99 3.84
C GLY B 224 -0.17 13.42 4.70
N MET B 225 0.78 12.50 4.89
CA MET B 225 1.98 12.80 5.66
C MET B 225 2.81 13.88 4.96
N GLU B 226 2.80 13.84 3.63
CA GLU B 226 3.49 14.83 2.82
C GLU B 226 2.76 16.16 2.88
N HIS B 227 1.43 16.10 2.95
CA HIS B 227 0.60 17.29 3.02
C HIS B 227 0.68 17.94 4.40
N LEU B 228 0.61 17.12 5.45
CA LEU B 228 0.65 17.61 6.81
C LEU B 228 2.03 18.21 7.14
N TYR B 229 3.07 17.63 6.57
CA TYR B 229 4.42 18.14 6.76
C TYR B 229 4.60 19.47 6.04
N SER B 230 3.82 19.66 4.99
CA SER B 230 3.83 20.91 4.24
C SER B 230 3.17 22.04 5.03
N MET B 231 2.09 21.72 5.72
CA MET B 231 1.47 22.65 6.65
C MET B 231 2.31 23.05 7.86
N LYS B 232 3.04 22.14 8.44
CA LYS B 232 3.84 22.44 9.59
C LYS B 232 4.90 23.46 9.20
N CYS B 233 5.60 23.18 8.13
CA CYS B 233 6.73 23.96 7.73
C CYS B 233 6.30 25.39 7.54
N LYS B 234 5.05 25.58 7.23
CA LYS B 234 4.51 26.87 6.86
C LYS B 234 3.53 27.52 7.85
N ASN B 235 3.58 27.18 9.13
CA ASN B 235 3.17 28.13 10.15
C ASN B 235 4.00 27.98 11.40
N VAL B 237 0.34 27.13 10.77
CA VAL B 237 -0.74 26.68 11.64
C VAL B 237 -0.40 25.58 12.62
N PRO B 238 -0.96 25.67 13.88
CA PRO B 238 -0.17 24.99 14.92
C PRO B 238 -0.45 23.51 14.96
N LEU B 239 0.44 22.72 15.54
CA LEU B 239 0.15 21.33 15.78
C LEU B 239 0.69 20.94 17.09
N SER B 240 0.02 20.01 17.73
CA SER B 240 0.37 19.59 19.06
C SER B 240 1.70 18.94 19.09
N ASP B 241 2.29 18.87 20.26
CA ASP B 241 3.60 18.26 20.39
C ASP B 241 3.57 16.79 20.03
N LEU B 242 2.55 16.08 20.46
CA LEU B 242 2.39 14.66 20.11
C LEU B 242 2.28 14.51 18.60
N LEU B 243 1.45 15.34 17.99
CA LEU B 243 1.24 15.29 16.54
C LEU B 243 2.53 15.57 15.79
N LEU B 244 3.30 16.53 16.30
CA LEU B 244 4.59 16.87 15.70
C LEU B 244 5.57 15.71 15.76
N GLU B 245 5.56 14.98 16.87
CA GLU B 245 6.43 13.83 17.04
C GLU B 245 6.05 12.69 16.12
N MET B 246 4.74 12.47 15.98
CA MET B 246 4.24 11.43 15.08
C MET B 246 4.58 11.77 13.63
N LEU B 247 4.65 13.07 13.34
CA LEU B 247 4.98 13.55 12.01
C LEU B 247 6.47 13.43 11.72
N ASP B 248 7.29 13.79 12.71
CA ASP B 248 8.74 13.73 12.56
C ASP B 248 9.25 12.31 12.39
N ALA B 249 8.44 11.33 12.79
CA ALA B 249 8.82 9.93 12.71
C ALA B 249 8.88 9.43 11.28
N HIS B 250 8.18 10.12 10.38
CA HIS B 250 8.18 9.76 8.96
C HIS B 250 9.20 10.56 8.17
N ARG B 251 9.99 11.36 8.88
CA ARG B 251 11.02 12.18 8.23
C ARG B 251 12.39 11.90 8.82
N HIS C 2 0.47 14.76 -27.17
CA HIS C 2 0.11 13.99 -26.00
C HIS C 2 1.27 13.40 -25.24
N LYS C 3 0.89 12.64 -24.24
CA LYS C 3 1.83 11.93 -23.44
C LYS C 3 2.54 10.89 -24.28
N ILE C 4 3.80 10.64 -24.00
CA ILE C 4 4.52 9.57 -24.63
C ILE C 4 3.91 8.22 -24.30
N LEU C 5 3.44 8.06 -23.09
CA LEU C 5 2.87 6.82 -22.65
C LEU C 5 1.71 6.51 -23.51
N HIS C 6 0.94 7.54 -23.79
CA HIS C 6 -0.28 7.38 -24.59
C HIS C 6 0.02 6.78 -25.96
N ARG C 7 1.15 7.16 -26.54
CA ARG C 7 1.53 6.67 -27.86
C ARG C 7 2.18 5.29 -27.80
N LEU C 8 2.98 5.05 -26.78
CA LEU C 8 3.67 3.77 -26.62
C LEU C 8 2.70 2.61 -26.46
N LEU C 9 1.58 2.86 -25.80
CA LEU C 9 0.53 1.85 -25.66
C LEU C 9 -0.11 1.54 -27.00
N GLN C 10 -0.03 2.49 -27.94
CA GLN C 10 -0.56 2.30 -29.28
C GLN C 10 0.48 1.68 -30.20
N ASP C 11 1.02 0.53 -29.80
CA ASP C 11 2.01 -0.18 -30.60
C ASP C 11 1.72 -1.68 -30.66
N LYS D 3 9.91 11.01 24.49
CA LYS D 3 8.85 11.02 23.49
C LYS D 3 7.48 10.85 24.13
N ILE D 4 6.51 11.65 23.69
CA ILE D 4 5.18 11.64 24.27
C ILE D 4 4.47 10.29 24.06
N LEU D 5 4.61 9.74 22.85
CA LEU D 5 4.04 8.43 22.55
C LEU D 5 4.58 7.37 23.50
N HIS D 6 5.86 7.49 23.82
CA HIS D 6 6.54 6.55 24.70
C HIS D 6 5.91 6.50 26.08
N ARG D 7 5.54 7.67 26.60
CA ARG D 7 4.97 7.77 27.94
C ARG D 7 3.51 7.34 27.99
N LEU D 8 2.78 7.62 26.92
CA LEU D 8 1.35 7.29 26.87
C LEU D 8 1.14 5.78 26.80
N LEU D 9 2.07 5.08 26.15
CA LEU D 9 2.01 3.63 26.08
C LEU D 9 2.39 2.99 27.42
N GLN D 10 3.39 3.57 28.07
CA GLN D 10 3.90 3.04 29.34
C GLN D 10 2.87 3.13 30.46
N ASP D 11 1.91 4.04 30.32
CA ASP D 11 0.86 4.23 31.32
C ASP D 11 -0.03 3.01 31.42
#